data_1QZ1
#
_entry.id   1QZ1
#
_cell.length_a   51.440
_cell.length_b   107.760
_cell.length_c   149.300
_cell.angle_alpha   90.00
_cell.angle_beta   90.00
_cell.angle_gamma   90.00
#
_symmetry.space_group_name_H-M   'I 21 21 21'
#
loop_
_entity.id
_entity.type
_entity.pdbx_description
1 polymer 'Neural cell adhesion molecule 1, 140 kDa isoform'
2 water water
#
_entity_poly.entity_id   1
_entity_poly.type   'polypeptide(L)'
_entity_poly.pdbx_seq_one_letter_code
;RVLQVDIVPSQGEISVGESKFFLCQVAGDAKDKDISWFSPNGEKLSPNQQRISVVWNDDDSSTLTIYNANIDDAGIYKCV
VTAEDGTQSEATVNVKIFQKLMFKNAPTPQEFKEGEDAVIVCDVVSSLPPTIIWKHKGRDVILKKDVRFIVLSNNYLQIR
GIKKTDEGTYRCEGRILARGEINFKDIQVIVNVPPTVQARQSIVNATANLGQSVTLVCDADGFPEPTMSWTKDGEPIENE
EEDDEKHIFSDDSSELTIRNVDKNDEAEYVCIAENKAGEQDASIHLKVFAK
;
_entity_poly.pdbx_strand_id   A
#
# COMPACT_ATOMS: atom_id res chain seq x y z
N VAL A 2 -42.77 29.71 -26.25
CA VAL A 2 -43.13 28.27 -26.16
C VAL A 2 -42.50 27.59 -24.95
N LEU A 3 -42.03 26.38 -25.21
CA LEU A 3 -41.44 25.48 -24.24
C LEU A 3 -40.24 25.89 -23.39
N GLN A 4 -40.29 25.45 -22.14
CA GLN A 4 -39.22 25.72 -21.19
C GLN A 4 -38.56 24.40 -20.80
N VAL A 5 -37.24 24.36 -20.95
CA VAL A 5 -36.48 23.17 -20.60
C VAL A 5 -35.33 23.57 -19.68
N ASP A 6 -35.18 22.82 -18.59
CA ASP A 6 -34.13 23.10 -17.62
C ASP A 6 -33.47 21.82 -17.16
N ILE A 7 -32.18 21.91 -16.85
CA ILE A 7 -31.47 20.74 -16.39
C ILE A 7 -31.03 20.97 -14.95
N VAL A 8 -31.34 20.00 -14.09
CA VAL A 8 -30.95 20.07 -12.69
C VAL A 8 -30.14 18.84 -12.33
N PRO A 9 -28.94 19.03 -11.76
CA PRO A 9 -28.29 20.31 -11.42
C PRO A 9 -27.89 21.04 -12.71
N SER A 10 -27.88 22.36 -12.64
CA SER A 10 -27.57 23.17 -13.82
C SER A 10 -26.16 23.00 -14.35
N GLN A 11 -25.28 22.47 -13.51
CA GLN A 11 -23.91 22.21 -13.94
C GLN A 11 -23.35 21.10 -13.07
N GLY A 12 -22.29 20.45 -13.55
CA GLY A 12 -21.75 19.36 -12.75
C GLY A 12 -20.28 19.06 -12.94
N GLU A 13 -19.70 18.46 -11.91
CA GLU A 13 -18.30 18.08 -11.95
C GLU A 13 -18.24 16.64 -11.45
N ILE A 14 -17.48 15.78 -12.14
CA ILE A 14 -17.41 14.39 -11.72
C ILE A 14 -15.98 13.91 -11.66
N SER A 15 -15.61 13.28 -10.55
CA SER A 15 -14.27 12.74 -10.38
C SER A 15 -14.20 11.42 -11.14
N VAL A 16 -13.06 11.19 -11.79
CA VAL A 16 -12.87 9.98 -12.56
C VAL A 16 -13.28 8.75 -11.78
N GLY A 17 -14.08 7.91 -12.43
CA GLY A 17 -14.55 6.70 -11.81
C GLY A 17 -15.87 6.86 -11.06
N GLU A 18 -16.29 8.09 -10.80
CA GLU A 18 -17.54 8.29 -10.07
C GLU A 18 -18.73 8.52 -10.99
N SER A 19 -19.91 8.71 -10.40
CA SER A 19 -21.12 8.88 -11.20
C SER A 19 -21.92 10.11 -10.81
N LYS A 20 -22.73 10.62 -11.75
CA LYS A 20 -23.57 11.79 -11.53
C LYS A 20 -24.73 11.73 -12.49
N PHE A 21 -25.82 12.40 -12.17
CA PHE A 21 -26.95 12.37 -13.06
C PHE A 21 -27.51 13.75 -13.20
N PHE A 22 -28.28 13.95 -14.26
CA PHE A 22 -28.87 15.22 -14.58
C PHE A 22 -30.28 15.02 -15.10
N LEU A 23 -31.21 15.78 -14.55
CA LEU A 23 -32.61 15.70 -14.94
C LEU A 23 -33.00 16.84 -15.87
N CYS A 24 -33.46 16.49 -17.06
CA CYS A 24 -33.91 17.49 -18.02
C CYS A 24 -35.42 17.55 -17.88
N GLN A 25 -35.92 18.68 -17.41
CA GLN A 25 -37.35 18.85 -17.19
C GLN A 25 -38.01 19.84 -18.14
N VAL A 26 -39.20 19.50 -18.63
CA VAL A 26 -39.94 20.38 -19.51
C VAL A 26 -41.06 21.01 -18.70
N ALA A 27 -41.27 22.31 -18.90
CA ALA A 27 -42.29 23.06 -18.17
C ALA A 27 -43.73 22.86 -18.67
N GLY A 28 -44.69 22.89 -17.73
CA GLY A 28 -46.10 22.70 -18.02
C GLY A 28 -46.42 21.31 -18.55
N ASP A 29 -45.78 21.03 -19.67
CA ASP A 29 -45.84 19.78 -20.39
C ASP A 29 -47.14 19.20 -20.93
N ALA A 30 -47.58 19.77 -22.04
CA ALA A 30 -48.74 19.25 -22.74
C ALA A 30 -47.96 18.09 -23.37
N LYS A 31 -48.58 17.11 -24.02
CA LYS A 31 -47.74 16.02 -24.50
C LYS A 31 -47.48 15.73 -25.97
N ASP A 32 -46.86 14.57 -26.15
CA ASP A 32 -46.44 14.08 -27.43
C ASP A 32 -45.31 14.93 -27.95
N LYS A 33 -44.27 15.11 -27.13
CA LYS A 33 -43.09 15.85 -27.55
C LYS A 33 -41.95 14.88 -27.29
N ASP A 34 -40.89 15.01 -28.08
CA ASP A 34 -39.74 14.13 -27.95
C ASP A 34 -38.63 14.80 -27.14
N ILE A 35 -38.01 14.02 -26.27
CA ILE A 35 -36.89 14.51 -25.47
C ILE A 35 -35.71 13.61 -25.78
N SER A 36 -34.64 14.22 -26.29
CA SER A 36 -33.45 13.49 -26.65
C SER A 36 -32.22 14.19 -26.11
N TRP A 37 -31.21 13.41 -25.77
CA TRP A 37 -29.97 13.95 -25.25
C TRP A 37 -28.89 13.79 -26.30
N PHE A 38 -27.97 14.75 -26.35
CA PHE A 38 -26.84 14.71 -27.26
C PHE A 38 -25.59 14.89 -26.44
N SER A 39 -24.58 14.07 -26.73
CA SER A 39 -23.31 14.15 -26.03
C SER A 39 -22.52 15.34 -26.57
N PRO A 40 -21.39 15.68 -25.93
CA PRO A 40 -20.53 16.79 -26.33
C PRO A 40 -20.00 16.71 -27.76
N ASN A 41 -19.94 15.50 -28.32
CA ASN A 41 -19.45 15.31 -29.67
C ASN A 41 -20.60 15.38 -30.70
N GLY A 42 -21.78 15.85 -30.26
CA GLY A 42 -22.91 16.00 -31.15
C GLY A 42 -23.79 14.80 -31.45
N GLU A 43 -23.43 13.64 -30.91
CA GLU A 43 -24.23 12.47 -31.18
C GLU A 43 -25.39 12.30 -30.22
N LYS A 44 -26.49 11.82 -30.78
CA LYS A 44 -27.70 11.56 -30.05
C LYS A 44 -27.45 10.26 -29.26
N LEU A 45 -27.79 10.26 -27.98
CA LEU A 45 -27.57 9.10 -27.14
C LEU A 45 -28.70 8.09 -27.27
N SER A 46 -28.38 6.84 -27.50
CA SER A 46 -29.42 5.83 -27.60
C SER A 46 -29.95 5.65 -26.20
N PRO A 47 -31.26 5.47 -26.09
CA PRO A 47 -31.89 5.29 -24.78
C PRO A 47 -31.52 3.98 -24.11
N ASN A 48 -31.65 3.99 -22.80
CA ASN A 48 -31.41 2.80 -21.99
C ASN A 48 -30.12 2.02 -22.24
N GLN A 49 -28.98 2.72 -22.32
CA GLN A 49 -27.70 2.04 -22.49
C GLN A 49 -27.13 1.91 -21.07
N GLN A 50 -26.03 1.19 -20.93
CA GLN A 50 -25.44 0.89 -19.62
C GLN A 50 -24.70 1.99 -18.84
N ARG A 51 -23.59 2.43 -19.40
CA ARG A 51 -22.75 3.43 -18.76
C ARG A 51 -23.25 4.87 -18.92
N ILE A 52 -23.54 5.27 -20.15
CA ILE A 52 -24.06 6.62 -20.39
C ILE A 52 -25.54 6.36 -20.56
N SER A 53 -26.25 6.48 -19.45
CA SER A 53 -27.65 6.16 -19.39
C SER A 53 -28.65 7.29 -19.56
N VAL A 54 -29.55 7.11 -20.51
CA VAL A 54 -30.60 8.07 -20.75
C VAL A 54 -31.90 7.33 -20.49
N VAL A 55 -32.62 7.80 -19.48
CA VAL A 55 -33.87 7.20 -19.09
C VAL A 55 -35.00 8.22 -19.04
N TRP A 56 -36.04 7.96 -19.81
CA TRP A 56 -37.23 8.80 -19.87
C TRP A 56 -38.00 8.47 -18.59
N ASN A 57 -38.45 9.48 -17.86
CA ASN A 57 -39.18 9.24 -16.62
C ASN A 57 -40.69 9.21 -16.82
N ASP A 58 -41.20 10.33 -17.29
CA ASP A 58 -42.62 10.51 -17.59
C ASP A 58 -42.52 11.31 -18.87
N ASP A 59 -43.63 11.74 -19.45
CA ASP A 59 -43.46 12.52 -20.68
C ASP A 59 -42.94 13.91 -20.37
N ASP A 60 -42.70 14.17 -19.08
CA ASP A 60 -42.23 15.48 -18.69
C ASP A 60 -40.72 15.58 -18.61
N SER A 61 -40.05 14.47 -18.35
CA SER A 61 -38.61 14.52 -18.18
C SER A 61 -37.81 13.30 -18.62
N SER A 62 -36.51 13.53 -18.71
CA SER A 62 -35.55 12.50 -19.10
C SER A 62 -34.31 12.68 -18.23
N THR A 63 -33.78 11.57 -17.73
CA THR A 63 -32.61 11.65 -16.88
C THR A 63 -31.37 11.08 -17.55
N LEU A 64 -30.30 11.85 -17.50
CA LEU A 64 -29.02 11.42 -18.05
C LEU A 64 -28.13 11.02 -16.88
N THR A 65 -27.67 9.78 -16.85
CA THR A 65 -26.77 9.36 -15.77
C THR A 65 -25.44 8.99 -16.37
N ILE A 66 -24.37 9.55 -15.85
CA ILE A 66 -23.04 9.23 -16.35
C ILE A 66 -22.36 8.39 -15.27
N TYR A 67 -22.29 7.07 -15.50
CA TYR A 67 -21.67 6.14 -14.58
C TYR A 67 -20.20 5.98 -14.88
N ASN A 68 -19.42 5.67 -13.85
CA ASN A 68 -17.99 5.42 -14.00
C ASN A 68 -17.32 6.40 -14.96
N ALA A 69 -17.40 7.68 -14.64
CA ALA A 69 -16.85 8.72 -15.51
C ALA A 69 -15.39 8.66 -15.85
N ASN A 70 -15.08 9.07 -17.07
CA ASN A 70 -13.71 9.13 -17.54
C ASN A 70 -13.56 10.48 -18.26
N ILE A 71 -12.33 10.94 -18.39
CA ILE A 71 -12.02 12.23 -19.02
C ILE A 71 -12.69 12.50 -20.37
N ASP A 72 -12.94 11.46 -21.16
CA ASP A 72 -13.57 11.69 -22.44
C ASP A 72 -15.07 11.94 -22.34
N ASP A 73 -15.61 11.94 -21.12
CA ASP A 73 -17.04 12.18 -20.94
C ASP A 73 -17.30 13.68 -20.76
N ALA A 74 -16.24 14.46 -20.54
CA ALA A 74 -16.37 15.89 -20.31
C ALA A 74 -16.95 16.64 -21.50
N GLY A 75 -17.64 17.73 -21.21
CA GLY A 75 -18.21 18.52 -22.29
C GLY A 75 -19.62 18.99 -22.04
N ILE A 76 -20.18 19.65 -23.06
CA ILE A 76 -21.53 20.17 -22.99
C ILE A 76 -22.49 19.14 -23.55
N TYR A 77 -23.36 18.65 -22.68
CA TYR A 77 -24.38 17.70 -23.10
C TYR A 77 -25.59 18.57 -23.27
N LYS A 78 -26.48 18.18 -24.17
CA LYS A 78 -27.65 18.98 -24.31
C LYS A 78 -28.87 18.14 -24.50
N CYS A 79 -29.95 18.68 -23.97
CA CYS A 79 -31.22 18.02 -24.00
C CYS A 79 -32.11 18.83 -24.92
N VAL A 80 -32.63 18.18 -25.96
CA VAL A 80 -33.48 18.85 -26.94
C VAL A 80 -34.92 18.34 -26.87
N VAL A 81 -35.86 19.27 -26.86
CA VAL A 81 -37.27 18.90 -26.82
C VAL A 81 -37.90 19.28 -28.15
N THR A 82 -38.59 18.32 -28.75
CA THR A 82 -39.23 18.57 -30.02
C THR A 82 -40.74 18.38 -29.92
N ALA A 83 -41.49 19.45 -30.17
CA ALA A 83 -42.96 19.44 -30.13
C ALA A 83 -43.51 18.77 -31.38
N GLU A 84 -44.75 18.28 -31.32
CA GLU A 84 -45.39 17.60 -32.44
C GLU A 84 -45.22 18.29 -33.79
N ASP A 85 -45.11 19.62 -33.77
CA ASP A 85 -44.95 20.40 -35.00
C ASP A 85 -43.49 20.65 -35.39
N GLY A 86 -42.57 20.00 -34.70
CA GLY A 86 -41.15 20.16 -35.02
C GLY A 86 -40.41 21.32 -34.39
N THR A 87 -41.09 22.15 -33.61
CA THR A 87 -40.42 23.27 -32.98
C THR A 87 -39.57 22.71 -31.83
N GLN A 88 -38.36 23.23 -31.68
CA GLN A 88 -37.47 22.70 -30.65
C GLN A 88 -36.95 23.71 -29.65
N SER A 89 -36.70 23.22 -28.44
CA SER A 89 -36.14 24.00 -27.35
C SER A 89 -35.03 23.15 -26.75
N GLU A 90 -34.02 23.78 -26.16
CA GLU A 90 -32.92 23.03 -25.57
C GLU A 90 -32.38 23.62 -24.29
N ALA A 91 -31.72 22.78 -23.52
CA ALA A 91 -31.08 23.18 -22.29
C ALA A 91 -29.75 22.47 -22.42
N THR A 92 -28.68 23.11 -21.98
CA THR A 92 -27.38 22.49 -22.05
C THR A 92 -26.79 22.45 -20.65
N VAL A 93 -25.88 21.50 -20.45
CA VAL A 93 -25.24 21.37 -19.16
C VAL A 93 -23.77 21.06 -19.35
N ASN A 94 -22.93 21.88 -18.72
CA ASN A 94 -21.49 21.72 -18.83
C ASN A 94 -21.01 20.73 -17.78
N VAL A 95 -20.48 19.60 -18.25
CA VAL A 95 -20.01 18.58 -17.34
C VAL A 95 -18.49 18.56 -17.35
N LYS A 96 -17.91 18.85 -16.19
CA LYS A 96 -16.45 18.84 -16.05
C LYS A 96 -16.01 17.52 -15.41
N ILE A 97 -14.87 17.01 -15.86
CA ILE A 97 -14.32 15.79 -15.30
C ILE A 97 -13.01 16.19 -14.66
N PHE A 98 -12.69 15.60 -13.51
CA PHE A 98 -11.43 15.90 -12.84
C PHE A 98 -11.07 14.70 -11.98
N GLN A 99 -9.90 14.77 -11.37
CA GLN A 99 -9.46 13.68 -10.54
C GLN A 99 -9.28 14.25 -9.16
N LYS A 100 -10.18 13.86 -8.26
CA LYS A 100 -10.08 14.32 -6.90
C LYS A 100 -8.77 13.75 -6.33
N LEU A 101 -8.20 14.48 -5.39
CA LEU A 101 -6.98 14.09 -4.72
C LEU A 101 -7.15 12.73 -4.04
N MET A 102 -6.44 11.71 -4.52
CA MET A 102 -6.52 10.39 -3.88
C MET A 102 -5.18 9.67 -3.95
N PHE A 103 -5.02 8.66 -3.10
CA PHE A 103 -3.79 7.89 -3.03
C PHE A 103 -3.83 6.67 -3.92
N LYS A 104 -2.84 6.54 -4.77
CA LYS A 104 -2.77 5.45 -5.72
C LYS A 104 -1.92 4.29 -5.21
N ASN A 105 -0.78 4.62 -4.62
CA ASN A 105 0.12 3.62 -4.08
C ASN A 105 0.83 4.27 -2.89
N ALA A 106 0.49 3.81 -1.69
CA ALA A 106 1.08 4.31 -0.46
C ALA A 106 1.02 3.15 0.51
N PRO A 107 1.82 2.12 0.26
CA PRO A 107 1.84 0.94 1.13
C PRO A 107 2.26 1.16 2.54
N THR A 108 1.67 0.36 3.41
CA THR A 108 2.00 0.41 4.79
C THR A 108 1.93 -1.01 5.32
N PRO A 109 2.94 -1.42 6.09
CA PRO A 109 4.08 -0.58 6.46
C PRO A 109 5.10 -0.60 5.32
N GLN A 110 6.13 0.21 5.48
CA GLN A 110 7.22 0.23 4.53
C GLN A 110 8.41 -0.06 5.44
N GLU A 111 9.26 -0.98 5.01
CA GLU A 111 10.40 -1.43 5.81
C GLU A 111 11.75 -1.10 5.21
N PHE A 112 12.71 -0.84 6.10
CA PHE A 112 14.04 -0.48 5.69
C PHE A 112 15.06 -1.09 6.62
N LYS A 113 16.26 -1.30 6.09
CA LYS A 113 17.32 -1.89 6.88
C LYS A 113 18.03 -0.71 7.53
N GLU A 114 18.26 -0.81 8.84
CA GLU A 114 18.94 0.25 9.56
C GLU A 114 20.17 0.77 8.81
N GLY A 115 20.32 2.09 8.76
CA GLY A 115 21.47 2.66 8.09
C GLY A 115 21.31 3.00 6.62
N GLU A 116 20.41 2.34 5.90
CA GLU A 116 20.30 2.69 4.49
C GLU A 116 19.47 3.97 4.34
N ASP A 117 19.46 4.55 3.14
CA ASP A 117 18.67 5.75 2.95
C ASP A 117 17.29 5.25 2.67
N ALA A 118 16.34 5.66 3.48
CA ALA A 118 14.99 5.17 3.27
C ALA A 118 14.16 6.15 2.47
N VAL A 119 13.40 5.63 1.53
CA VAL A 119 12.53 6.50 0.75
C VAL A 119 11.14 5.95 0.99
N ILE A 120 10.27 6.76 1.58
CA ILE A 120 8.90 6.36 1.88
C ILE A 120 8.04 6.78 0.70
N VAL A 121 7.45 5.79 0.06
CA VAL A 121 6.67 5.99 -1.14
C VAL A 121 5.22 6.38 -0.91
N CYS A 122 4.82 7.45 -1.55
CA CYS A 122 3.46 7.93 -1.45
C CYS A 122 3.10 8.54 -2.81
N ASP A 123 2.30 7.79 -3.58
CA ASP A 123 1.86 8.22 -4.91
C ASP A 123 0.45 8.78 -4.88
N VAL A 124 0.31 10.04 -5.22
CA VAL A 124 -1.00 10.65 -5.23
C VAL A 124 -1.40 10.99 -6.64
N VAL A 125 -2.70 11.20 -6.83
CA VAL A 125 -3.25 11.57 -8.12
C VAL A 125 -4.24 12.70 -7.88
N SER A 126 -4.26 13.65 -8.82
CA SER A 126 -5.15 14.80 -8.77
C SER A 126 -4.98 15.56 -10.08
N SER A 127 -6.05 16.21 -10.53
CA SER A 127 -6.05 16.99 -11.77
C SER A 127 -5.08 18.14 -11.60
N LEU A 128 -5.22 18.84 -10.49
CA LEU A 128 -4.35 19.96 -10.19
C LEU A 128 -3.15 19.46 -9.37
N PRO A 129 -1.97 20.06 -9.59
CA PRO A 129 -0.78 19.61 -8.85
C PRO A 129 -0.93 19.76 -7.33
N PRO A 130 -0.61 18.68 -6.57
CA PRO A 130 -0.69 18.63 -5.11
C PRO A 130 0.50 19.18 -4.42
N THR A 131 0.27 19.69 -3.22
CA THR A 131 1.37 20.16 -2.41
C THR A 131 1.39 19.07 -1.35
N ILE A 132 2.56 18.50 -1.12
CA ILE A 132 2.67 17.40 -0.16
C ILE A 132 3.41 17.77 1.11
N ILE A 133 2.85 17.37 2.25
CA ILE A 133 3.50 17.64 3.52
C ILE A 133 3.63 16.34 4.28
N TRP A 134 4.84 16.05 4.73
CA TRP A 134 5.10 14.83 5.50
C TRP A 134 5.11 15.17 7.00
N LYS A 135 4.31 14.44 7.77
CA LYS A 135 4.20 14.67 9.21
C LYS A 135 4.54 13.47 10.08
N HIS A 136 5.27 13.75 11.16
CA HIS A 136 5.64 12.73 12.12
C HIS A 136 5.26 13.26 13.49
N LYS A 137 4.52 12.45 14.24
CA LYS A 137 4.08 12.81 15.59
C LYS A 137 3.44 14.20 15.65
N GLY A 138 2.79 14.64 14.58
CA GLY A 138 2.14 15.95 14.59
C GLY A 138 2.86 17.06 13.83
N ARG A 139 4.19 17.01 13.86
CA ARG A 139 5.04 18.00 13.19
C ARG A 139 5.14 17.86 11.67
N ASP A 140 5.98 18.71 11.10
CA ASP A 140 6.29 18.71 9.68
C ASP A 140 7.76 18.38 9.75
N VAL A 141 8.11 17.21 9.25
CA VAL A 141 9.49 16.78 9.30
C VAL A 141 10.46 17.77 8.69
N ILE A 142 9.96 18.73 7.92
CA ILE A 142 10.82 19.71 7.29
C ILE A 142 11.25 20.83 8.22
N LEU A 143 10.27 21.50 8.81
CA LEU A 143 10.56 22.62 9.68
C LEU A 143 11.49 22.33 10.85
N LYS A 144 11.94 21.09 10.98
CA LYS A 144 12.84 20.77 12.07
C LYS A 144 14.29 20.82 11.57
N LYS A 145 14.44 20.56 10.28
CA LYS A 145 15.75 20.54 9.66
C LYS A 145 16.71 19.65 10.41
N ASP A 146 16.49 18.37 10.19
CA ASP A 146 17.31 17.30 10.69
C ASP A 146 17.73 16.94 9.28
N VAL A 147 18.88 17.46 8.89
CA VAL A 147 19.45 17.27 7.55
C VAL A 147 19.18 15.93 6.87
N ARG A 148 18.87 14.91 7.66
CA ARG A 148 18.62 13.59 7.11
C ARG A 148 17.25 13.47 6.44
N PHE A 149 16.36 14.40 6.73
CA PHE A 149 15.03 14.37 6.15
C PHE A 149 14.87 15.29 4.94
N ILE A 150 14.43 14.72 3.83
CA ILE A 150 14.26 15.46 2.59
C ILE A 150 13.06 15.01 1.76
N VAL A 151 12.29 15.96 1.24
CA VAL A 151 11.17 15.62 0.41
C VAL A 151 11.72 15.72 -1.03
N LEU A 152 11.69 14.62 -1.76
CA LEU A 152 12.21 14.56 -3.13
C LEU A 152 11.27 15.18 -4.16
N SER A 153 11.76 15.33 -5.40
CA SER A 153 10.95 15.91 -6.47
C SER A 153 9.64 15.15 -6.73
N ASN A 154 9.65 13.83 -6.52
CA ASN A 154 8.43 13.04 -6.73
C ASN A 154 7.55 13.06 -5.48
N ASN A 155 7.95 13.88 -4.51
CA ASN A 155 7.23 14.01 -3.24
C ASN A 155 7.37 12.89 -2.23
N TYR A 156 8.25 11.93 -2.50
CA TYR A 156 8.49 10.86 -1.53
C TYR A 156 9.34 11.42 -0.38
N LEU A 157 9.28 10.78 0.80
CA LEU A 157 10.09 11.25 1.92
C LEU A 157 11.37 10.43 2.00
N GLN A 158 12.50 11.12 1.97
CA GLN A 158 13.76 10.43 2.06
C GLN A 158 14.31 10.59 3.47
N ILE A 159 14.68 9.48 4.11
CA ILE A 159 15.28 9.54 5.45
C ILE A 159 16.65 8.91 5.34
N ARG A 160 17.70 9.72 5.20
CA ARG A 160 19.03 9.19 5.06
C ARG A 160 19.59 8.55 6.34
N GLY A 161 20.38 7.49 6.17
CA GLY A 161 20.97 6.77 7.30
C GLY A 161 19.89 6.50 8.33
N ILE A 162 18.78 5.92 7.89
CA ILE A 162 17.69 5.67 8.82
C ILE A 162 18.12 4.88 10.06
N LYS A 163 17.67 5.35 11.20
CA LYS A 163 17.98 4.75 12.50
C LYS A 163 16.78 4.01 13.04
N LYS A 164 17.04 3.06 13.94
CA LYS A 164 15.98 2.30 14.56
C LYS A 164 15.03 3.29 15.26
N THR A 165 15.57 4.40 15.73
CA THR A 165 14.73 5.37 16.42
C THR A 165 13.91 6.25 15.46
N ASP A 166 14.00 5.99 14.16
CA ASP A 166 13.23 6.77 13.20
C ASP A 166 11.90 6.09 12.91
N GLU A 167 11.76 4.82 13.28
CA GLU A 167 10.49 4.17 12.97
C GLU A 167 9.32 4.83 13.66
N GLY A 168 8.11 4.50 13.20
CA GLY A 168 6.89 5.09 13.73
C GLY A 168 5.97 5.35 12.56
N THR A 169 4.95 6.16 12.78
CA THR A 169 4.01 6.45 11.73
C THR A 169 4.33 7.79 11.12
N TYR A 170 4.31 7.84 9.79
CA TYR A 170 4.58 9.08 9.07
C TYR A 170 3.38 9.39 8.22
N ARG A 171 2.95 10.65 8.27
CA ARG A 171 1.77 11.04 7.52
C ARG A 171 2.07 11.77 6.22
N CYS A 172 1.50 11.25 5.14
CA CYS A 172 1.68 11.87 3.84
C CYS A 172 0.39 12.68 3.62
N GLU A 173 0.53 14.00 3.65
CA GLU A 173 -0.64 14.87 3.48
C GLU A 173 -0.63 15.68 2.21
N GLY A 174 -1.70 15.51 1.44
CA GLY A 174 -1.83 16.23 0.18
C GLY A 174 -2.88 17.32 0.27
N ARG A 175 -2.52 18.49 -0.26
CA ARG A 175 -3.37 19.67 -0.30
C ARG A 175 -3.41 20.30 -1.70
N ILE A 176 -4.58 20.79 -2.05
CA ILE A 176 -4.77 21.48 -3.33
C ILE A 176 -5.36 22.83 -2.96
N LEU A 177 -4.54 23.88 -3.02
CA LEU A 177 -5.00 25.20 -2.59
C LEU A 177 -6.28 25.74 -3.22
N ALA A 178 -6.36 25.68 -4.54
CA ALA A 178 -7.54 26.20 -5.22
C ALA A 178 -8.84 25.61 -4.66
N ARG A 179 -8.80 24.36 -4.22
CA ARG A 179 -10.00 23.72 -3.67
C ARG A 179 -10.01 23.58 -2.15
N GLY A 180 -8.91 23.97 -1.51
CA GLY A 180 -8.83 23.83 -0.06
C GLY A 180 -9.02 22.36 0.29
N GLU A 181 -8.61 21.51 -0.64
CA GLU A 181 -8.77 20.07 -0.51
C GLU A 181 -7.62 19.42 0.28
N ILE A 182 -8.00 18.46 1.13
CA ILE A 182 -7.04 17.73 1.96
C ILE A 182 -7.35 16.27 1.98
N ASN A 183 -6.30 15.46 1.88
CA ASN A 183 -6.43 14.01 1.97
C ASN A 183 -5.07 13.61 2.55
N PHE A 184 -5.04 12.57 3.37
CA PHE A 184 -3.78 12.17 3.95
C PHE A 184 -3.75 10.65 4.09
N LYS A 185 -2.56 10.12 4.32
CA LYS A 185 -2.40 8.68 4.51
C LYS A 185 -1.30 8.44 5.54
N ASP A 186 -1.58 7.57 6.51
CA ASP A 186 -0.61 7.24 7.55
C ASP A 186 0.20 6.03 7.15
N ILE A 187 1.52 6.18 7.23
CA ILE A 187 2.39 5.11 6.85
C ILE A 187 3.29 4.70 7.99
N GLN A 188 3.21 3.42 8.35
CA GLN A 188 4.03 2.89 9.42
C GLN A 188 5.40 2.54 8.81
N VAL A 189 6.45 3.11 9.38
CA VAL A 189 7.80 2.83 8.90
C VAL A 189 8.47 1.87 9.89
N ILE A 190 9.00 0.75 9.38
CA ILE A 190 9.67 -0.23 10.23
C ILE A 190 11.16 -0.31 9.85
N VAL A 191 12.01 -0.37 10.85
CA VAL A 191 13.46 -0.47 10.62
C VAL A 191 13.91 -1.84 11.14
N ASN A 192 14.50 -2.63 10.25
CA ASN A 192 14.99 -3.94 10.59
C ASN A 192 16.49 -3.85 10.90
N VAL A 193 16.95 -4.67 11.84
CA VAL A 193 18.35 -4.69 12.30
C VAL A 193 18.91 -6.09 12.09
N PRO A 194 20.02 -6.19 11.36
CA PRO A 194 20.71 -7.44 11.04
C PRO A 194 21.08 -8.20 12.31
N PRO A 195 21.12 -9.52 12.26
CA PRO A 195 21.45 -10.30 13.43
C PRO A 195 22.93 -10.26 13.77
N THR A 196 23.22 -10.48 15.04
CA THR A 196 24.60 -10.63 15.53
C THR A 196 24.43 -11.88 16.42
N VAL A 197 25.47 -12.70 16.49
CA VAL A 197 25.37 -13.91 17.27
C VAL A 197 26.71 -14.35 17.86
N GLN A 198 26.67 -14.91 19.05
CA GLN A 198 27.88 -15.39 19.69
C GLN A 198 27.62 -16.71 20.39
N ALA A 199 28.56 -17.63 20.29
CA ALA A 199 28.43 -18.91 20.96
C ALA A 199 28.63 -18.66 22.45
N ARG A 200 27.91 -19.38 23.30
CA ARG A 200 28.09 -19.19 24.73
C ARG A 200 29.39 -19.92 25.14
N GLN A 201 29.66 -21.02 24.45
CA GLN A 201 30.88 -21.81 24.65
C GLN A 201 31.37 -22.26 23.29
N SER A 202 32.55 -21.80 22.90
CA SER A 202 33.14 -22.12 21.60
C SER A 202 33.72 -23.55 21.49
N ILE A 203 34.18 -24.06 22.62
CA ILE A 203 34.79 -25.37 22.69
C ILE A 203 34.06 -26.21 23.74
N VAL A 204 33.69 -27.41 23.34
CA VAL A 204 33.00 -28.30 24.25
C VAL A 204 33.61 -29.68 24.14
N ASN A 205 33.87 -30.29 25.29
CA ASN A 205 34.45 -31.64 25.36
C ASN A 205 33.40 -32.56 25.99
N ALA A 206 33.23 -33.72 25.39
CA ALA A 206 32.27 -34.71 25.86
C ALA A 206 32.86 -36.12 25.79
N THR A 207 32.29 -37.01 26.59
CA THR A 207 32.70 -38.41 26.66
C THR A 207 31.69 -39.27 25.93
N ALA A 208 32.18 -40.16 25.08
CA ALA A 208 31.32 -41.03 24.30
C ALA A 208 30.74 -42.21 25.05
N ASN A 209 29.64 -42.70 24.49
CA ASN A 209 28.93 -43.86 24.99
C ASN A 209 28.61 -43.95 26.47
N LEU A 210 28.27 -42.82 27.08
CA LEU A 210 27.88 -42.84 28.48
C LEU A 210 26.41 -42.43 28.53
N GLY A 211 25.78 -42.41 27.36
CA GLY A 211 24.36 -42.06 27.25
C GLY A 211 24.00 -40.63 27.62
N GLN A 212 25.00 -39.76 27.73
CA GLN A 212 24.75 -38.38 28.12
C GLN A 212 24.58 -37.40 26.95
N SER A 213 24.01 -36.24 27.26
CA SER A 213 23.75 -35.19 26.27
C SER A 213 24.63 -33.99 26.47
N VAL A 214 24.70 -33.15 25.45
CA VAL A 214 25.47 -31.92 25.52
C VAL A 214 24.56 -30.87 24.90
N THR A 215 24.58 -29.67 25.44
CA THR A 215 23.75 -28.62 24.89
C THR A 215 24.59 -27.48 24.32
N LEU A 216 24.47 -27.25 23.02
CA LEU A 216 25.21 -26.18 22.34
C LEU A 216 24.30 -24.95 22.32
N VAL A 217 24.85 -23.80 22.66
CA VAL A 217 24.08 -22.56 22.76
C VAL A 217 24.67 -21.35 22.07
N CYS A 218 23.82 -20.67 21.32
CA CYS A 218 24.20 -19.46 20.63
C CYS A 218 23.24 -18.38 21.10
N ASP A 219 23.77 -17.18 21.35
CA ASP A 219 22.95 -16.06 21.78
C ASP A 219 22.91 -15.08 20.64
N ALA A 220 21.72 -14.82 20.15
CA ALA A 220 21.58 -13.90 19.05
C ALA A 220 20.51 -12.85 19.27
N ASP A 221 20.59 -11.77 18.51
CA ASP A 221 19.57 -10.76 18.54
C ASP A 221 19.55 -10.00 17.23
N GLY A 222 18.51 -9.19 17.07
CA GLY A 222 18.31 -8.41 15.87
C GLY A 222 16.82 -8.18 15.76
N PHE A 223 16.36 -7.55 14.70
CA PHE A 223 14.93 -7.30 14.53
C PHE A 223 14.54 -7.42 13.05
N PRO A 224 13.59 -8.33 12.73
CA PRO A 224 12.88 -9.26 13.61
C PRO A 224 13.83 -10.21 14.32
N GLU A 225 13.36 -10.80 15.41
CA GLU A 225 14.17 -11.76 16.18
C GLU A 225 14.70 -12.77 15.19
N PRO A 226 16.01 -13.03 15.25
CA PRO A 226 16.64 -13.99 14.35
C PRO A 226 16.14 -15.42 14.45
N THR A 227 16.07 -16.10 13.33
CA THR A 227 15.70 -17.51 13.31
C THR A 227 17.04 -18.25 13.21
N MET A 228 17.20 -19.33 13.98
CA MET A 228 18.45 -20.07 13.97
C MET A 228 18.36 -21.40 13.26
N SER A 229 19.43 -21.76 12.56
CA SER A 229 19.54 -23.04 11.88
C SER A 229 21.00 -23.48 12.11
N TRP A 230 21.22 -24.79 12.18
CA TRP A 230 22.57 -25.31 12.44
C TRP A 230 23.16 -26.19 11.34
N THR A 231 24.49 -26.33 11.35
CA THR A 231 25.18 -27.21 10.40
C THR A 231 26.23 -28.02 11.16
N LYS A 232 26.46 -29.25 10.70
CA LYS A 232 27.43 -30.14 11.31
C LYS A 232 28.48 -30.33 10.22
N ASP A 233 29.67 -29.80 10.47
CA ASP A 233 30.75 -29.86 9.48
C ASP A 233 30.23 -29.42 8.11
N GLY A 234 29.41 -28.36 8.08
CA GLY A 234 28.89 -27.87 6.83
C GLY A 234 27.56 -28.46 6.39
N GLU A 235 27.19 -29.59 6.97
CA GLU A 235 25.93 -30.22 6.60
C GLU A 235 24.80 -29.80 7.50
N PRO A 236 23.64 -29.53 6.91
CA PRO A 236 22.48 -29.09 7.68
C PRO A 236 22.04 -30.10 8.73
N ILE A 237 21.35 -29.61 9.75
CA ILE A 237 20.82 -30.50 10.78
C ILE A 237 19.33 -30.20 10.92
N GLU A 238 18.48 -31.15 10.53
CA GLU A 238 17.04 -30.93 10.55
C GLU A 238 16.37 -30.80 11.92
N ASN A 239 15.64 -29.70 12.07
CA ASN A 239 14.93 -29.34 13.30
C ASN A 239 13.82 -30.33 13.68
N GLU A 240 13.12 -30.82 12.66
CA GLU A 240 12.01 -31.78 12.78
C GLU A 240 11.50 -32.12 14.18
N ASP A 243 9.81 -35.39 13.86
CA ASP A 243 10.47 -36.37 14.79
C ASP A 243 11.95 -36.05 15.00
N ASP A 244 12.40 -36.32 16.22
CA ASP A 244 13.78 -36.10 16.63
C ASP A 244 14.08 -37.04 17.80
N GLU A 245 15.19 -37.76 17.72
CA GLU A 245 15.53 -38.68 18.79
C GLU A 245 16.84 -38.25 19.42
N LYS A 246 17.71 -37.72 18.57
CA LYS A 246 19.02 -37.28 18.98
C LYS A 246 19.14 -35.76 19.05
N HIS A 247 18.80 -35.09 17.96
CA HIS A 247 18.90 -33.63 17.92
C HIS A 247 17.64 -32.92 18.41
N ILE A 248 17.76 -32.22 19.53
CA ILE A 248 16.63 -31.48 20.10
C ILE A 248 16.88 -29.96 20.11
N PHE A 249 16.04 -29.22 19.40
CA PHE A 249 16.20 -27.76 19.35
C PHE A 249 15.28 -27.02 20.29
N SER A 250 15.72 -25.83 20.69
CA SER A 250 14.90 -24.96 21.52
C SER A 250 13.91 -24.32 20.54
N ASP A 251 12.91 -23.62 21.04
CA ASP A 251 11.90 -23.00 20.19
C ASP A 251 12.47 -22.09 19.12
N ASP A 252 13.48 -21.33 19.50
CA ASP A 252 14.13 -20.43 18.57
C ASP A 252 15.28 -21.18 17.88
N SER A 253 15.58 -22.37 18.39
CA SER A 253 16.67 -23.21 17.88
C SER A 253 18.01 -22.52 18.20
N SER A 254 18.02 -21.72 19.27
CA SER A 254 19.23 -21.02 19.69
C SER A 254 20.06 -22.05 20.46
N GLU A 255 19.40 -23.10 20.94
CA GLU A 255 20.06 -24.18 21.63
C GLU A 255 19.85 -25.48 20.88
N LEU A 256 20.93 -26.25 20.73
CA LEU A 256 20.89 -27.54 20.08
C LEU A 256 21.37 -28.57 21.10
N THR A 257 20.51 -29.53 21.41
CA THR A 257 20.88 -30.55 22.39
C THR A 257 21.18 -31.87 21.69
N ILE A 258 22.41 -32.36 21.84
CA ILE A 258 22.79 -33.62 21.24
C ILE A 258 22.59 -34.63 22.37
N ARG A 259 21.80 -35.66 22.09
CA ARG A 259 21.41 -36.58 23.14
C ARG A 259 22.19 -37.77 23.70
N ASN A 260 22.60 -38.70 22.87
CA ASN A 260 23.35 -39.83 23.38
C ASN A 260 24.65 -39.72 22.64
N VAL A 261 25.51 -38.87 23.19
CA VAL A 261 26.78 -38.57 22.58
C VAL A 261 27.71 -39.74 22.31
N ASP A 262 28.20 -39.79 21.08
CA ASP A 262 29.16 -40.78 20.68
C ASP A 262 30.10 -40.05 19.75
N LYS A 263 31.20 -40.71 19.41
CA LYS A 263 32.19 -40.08 18.56
C LYS A 263 31.68 -39.46 17.28
N ASN A 264 30.56 -39.93 16.75
CA ASN A 264 30.08 -39.35 15.50
C ASN A 264 29.58 -37.93 15.67
N ASP A 265 29.42 -37.53 16.92
CA ASP A 265 28.94 -36.19 17.23
C ASP A 265 30.08 -35.17 17.26
N GLU A 266 31.32 -35.64 17.26
CA GLU A 266 32.46 -34.73 17.24
C GLU A 266 32.45 -34.04 15.87
N ALA A 267 32.47 -32.71 15.87
CA ALA A 267 32.47 -31.92 14.64
C ALA A 267 32.46 -30.44 14.93
N GLU A 268 32.47 -29.65 13.88
CA GLU A 268 32.37 -28.22 14.03
C GLU A 268 30.90 -27.89 13.77
N TYR A 269 30.23 -27.32 14.75
CA TYR A 269 28.84 -26.95 14.58
C TYR A 269 28.77 -25.46 14.37
N VAL A 270 27.94 -25.04 13.42
CA VAL A 270 27.76 -23.61 13.13
C VAL A 270 26.29 -23.21 13.32
N CYS A 271 26.05 -22.17 14.12
CA CYS A 271 24.67 -21.70 14.31
C CYS A 271 24.53 -20.45 13.47
N ILE A 272 23.56 -20.51 12.58
CA ILE A 272 23.30 -19.43 11.66
C ILE A 272 22.10 -18.63 12.15
N ALA A 273 22.33 -17.34 12.40
CA ALA A 273 21.25 -16.45 12.85
C ALA A 273 20.83 -15.57 11.66
N GLU A 274 19.57 -15.66 11.28
CA GLU A 274 19.06 -14.88 10.15
C GLU A 274 17.71 -14.21 10.39
N ASN A 275 17.53 -13.10 9.71
CA ASN A 275 16.26 -12.38 9.67
C ASN A 275 16.26 -11.68 8.31
N LYS A 276 15.16 -11.04 7.95
CA LYS A 276 15.09 -10.41 6.64
C LYS A 276 16.17 -9.38 6.31
N ALA A 277 16.88 -8.88 7.31
CA ALA A 277 17.91 -7.89 7.05
C ALA A 277 19.34 -8.43 7.01
N GLY A 278 19.55 -9.72 7.20
CA GLY A 278 20.93 -10.15 7.17
C GLY A 278 21.24 -11.44 7.90
N GLU A 279 22.52 -11.72 8.05
CA GLU A 279 22.94 -12.95 8.70
C GLU A 279 24.31 -12.88 9.34
N GLN A 280 24.49 -13.71 10.37
CA GLN A 280 25.76 -13.84 11.06
C GLN A 280 25.80 -15.22 11.70
N ASP A 281 26.98 -15.82 11.77
CA ASP A 281 27.08 -17.14 12.35
C ASP A 281 28.22 -17.22 13.34
N ALA A 282 28.23 -18.30 14.10
CA ALA A 282 29.27 -18.55 15.08
C ALA A 282 29.50 -20.05 15.12
N SER A 283 30.72 -20.46 15.45
CA SER A 283 31.02 -21.87 15.47
C SER A 283 31.31 -22.41 16.86
N ILE A 284 31.03 -23.70 17.02
CA ILE A 284 31.27 -24.39 18.28
C ILE A 284 31.95 -25.68 17.91
N HIS A 285 33.03 -26.00 18.62
CA HIS A 285 33.76 -27.22 18.33
C HIS A 285 33.50 -28.23 19.41
N LEU A 286 32.87 -29.34 19.02
CA LEU A 286 32.59 -30.38 19.99
C LEU A 286 33.59 -31.52 19.80
N LYS A 287 34.32 -31.85 20.86
CA LYS A 287 35.29 -32.95 20.79
C LYS A 287 34.75 -34.07 21.68
N VAL A 288 34.72 -35.27 21.16
CA VAL A 288 34.20 -36.41 21.91
C VAL A 288 35.28 -37.44 22.17
N PHE A 289 35.54 -37.71 23.45
CA PHE A 289 36.55 -38.67 23.84
C PHE A 289 35.94 -39.99 24.26
N ALA A 290 36.58 -41.09 23.87
CA ALA A 290 36.10 -42.43 24.21
C ALA A 290 36.02 -42.58 25.73
N LYS A 291 35.03 -43.32 26.21
CA LYS A 291 34.85 -43.54 27.64
C LYS A 291 35.93 -44.44 28.22
#